data_3OWX
#
_entry.id   3OWX
#
_cell.length_a   56.512
_cell.length_b   83.504
_cell.length_c   106.795
_cell.angle_alpha   90.000
_cell.angle_beta   90.000
_cell.angle_gamma   90.000
#
_symmetry.space_group_name_H-M   'P 21 21 21'
#
loop_
_entity.id
_entity.type
_entity.pdbx_description
1 polymer 'Ribosyldihydronicotinamide dehydrogenase [quinone]'
2 non-polymer 'ZINC ION'
3 non-polymer 'FLAVIN-ADENINE DINUCLEOTIDE'
4 non-polymer 2-[4-(furan-2-ylcarbonyl)piperazin-1-yl]-6,7-dimethoxyquinazolin-4-amine
5 water water
#
_entity_poly.entity_id   1
_entity_poly.type   'polypeptide(L)'
_entity_poly.pdbx_seq_one_letter_code
;MAGKKVLIVYAHQEPKSFNGSLKNVAVDELSRQGCTVTVSDLYAMNFEPRATDKDITGTLSNPEVFNYGVETHEAYKQRS
LASDITDEQKKVREADLVIFQFPLYWFSVPAILKGWMDRVLCQGFAFDIPGFYDSGLLQGKLALLSVTTGGTAEMYTKTG
VNGDSRYFLWPLQHGTLHFCGFKVLAPQISFAPEIASEEERKGMVAAWSQRLQTIWKEEPIPCTAHWHFGQ
;
_entity_poly.pdbx_strand_id   A,B
#
# COMPACT_ATOMS: atom_id res chain seq x y z
N GLY A 3 18.56 -20.49 -20.17
CA GLY A 3 18.67 -19.05 -19.75
C GLY A 3 17.44 -18.62 -18.99
N LYS A 4 17.63 -17.73 -18.02
CA LYS A 4 16.52 -17.19 -17.25
C LYS A 4 16.65 -15.67 -17.21
N LYS A 5 15.51 -14.98 -17.24
CA LYS A 5 15.47 -13.53 -17.06
C LYS A 5 14.84 -13.18 -15.71
N VAL A 6 15.53 -12.30 -14.98
CA VAL A 6 15.08 -11.80 -13.70
C VAL A 6 14.92 -10.27 -13.74
N LEU A 7 13.80 -9.81 -13.20
CA LEU A 7 13.57 -8.38 -12.95
C LEU A 7 13.59 -8.16 -11.45
N ILE A 8 14.42 -7.22 -10.99
CA ILE A 8 14.38 -6.76 -9.60
C ILE A 8 13.72 -5.38 -9.53
N VAL A 9 12.59 -5.29 -8.85
CA VAL A 9 11.91 -3.97 -8.67
C VAL A 9 12.31 -3.51 -7.29
N TYR A 10 13.12 -2.46 -7.26
CA TYR A 10 13.83 -2.06 -6.05
C TYR A 10 13.34 -0.69 -5.58
N ALA A 11 13.02 -0.57 -4.28
CA ALA A 11 12.43 0.67 -3.71
C ALA A 11 13.13 1.10 -2.42
N HIS A 12 14.32 1.66 -2.55
CA HIS A 12 14.98 2.31 -1.45
C HIS A 12 15.72 3.52 -1.98
N GLN A 13 15.75 4.57 -1.16
CA GLN A 13 16.32 5.87 -1.55
C GLN A 13 17.85 5.90 -1.56
N GLU A 14 18.46 4.98 -0.83
CA GLU A 14 19.90 5.06 -0.47
C GLU A 14 20.68 3.83 -0.98
N PRO A 15 21.62 4.06 -1.94
CA PRO A 15 22.41 2.95 -2.49
C PRO A 15 23.21 2.18 -1.40
N LYS A 16 23.67 2.91 -0.38
CA LYS A 16 24.45 2.28 0.72
C LYS A 16 23.60 1.62 1.79
N SER A 17 22.28 1.54 1.56
CA SER A 17 21.37 0.94 2.55
C SER A 17 21.46 -0.58 2.61
N PHE A 18 20.90 -1.15 3.67
CA PHE A 18 20.77 -2.61 3.75
C PHE A 18 19.97 -3.18 2.57
N ASN A 19 18.91 -2.49 2.16
CA ASN A 19 18.14 -2.89 0.96
C ASN A 19 19.02 -2.85 -0.29
N GLY A 20 19.78 -1.77 -0.43
CA GLY A 20 20.78 -1.61 -1.49
C GLY A 20 21.74 -2.78 -1.56
N SER A 21 22.24 -3.21 -0.41
CA SER A 21 23.15 -4.37 -0.36
C SER A 21 22.48 -5.65 -0.79
N LEU A 22 21.23 -5.85 -0.37
CA LEU A 22 20.48 -7.03 -0.76
C LEU A 22 20.21 -7.03 -2.26
N LYS A 23 19.96 -5.85 -2.82
CA LYS A 23 19.73 -5.76 -4.27
C LYS A 23 21.02 -6.09 -5.03
N ASN A 24 22.13 -5.55 -4.56
CA ASN A 24 23.43 -5.75 -5.17
C ASN A 24 23.94 -7.19 -5.14
N VAL A 25 23.76 -7.89 -4.02
CA VAL A 25 24.05 -9.33 -3.99
C VAL A 25 23.14 -10.17 -4.89
N ALA A 26 21.86 -9.79 -5.02
CA ALA A 26 20.95 -10.45 -5.96
C ALA A 26 21.48 -10.25 -7.39
N VAL A 27 21.81 -9.02 -7.76
CA VAL A 27 22.42 -8.75 -9.06
C VAL A 27 23.71 -9.60 -9.28
N ASP A 28 24.66 -9.52 -8.34
CA ASP A 28 25.92 -10.27 -8.44
C ASP A 28 25.70 -11.79 -8.60
N GLU A 29 24.88 -12.37 -7.73
CA GLU A 29 24.68 -13.82 -7.71
C GLU A 29 23.92 -14.32 -8.95
N LEU A 30 22.88 -13.60 -9.35
CA LEU A 30 22.12 -14.02 -10.51
C LEU A 30 22.95 -13.79 -11.80
N SER A 31 23.75 -12.73 -11.81
CA SER A 31 24.68 -12.47 -12.92
C SER A 31 25.75 -13.58 -13.04
N ARG A 32 26.37 -13.94 -11.91
CA ARG A 32 27.31 -15.06 -11.83
C ARG A 32 26.74 -16.36 -12.39
N GLN A 33 25.45 -16.60 -12.16
CA GLN A 33 24.80 -17.82 -12.64
C GLN A 33 24.57 -17.80 -14.15
N GLY A 34 24.71 -16.64 -14.78
CA GLY A 34 24.45 -16.53 -16.22
C GLY A 34 23.05 -16.04 -16.55
N CYS A 35 22.28 -15.69 -15.51
CA CYS A 35 20.94 -15.11 -15.71
C CYS A 35 21.00 -13.70 -16.33
N THR A 36 19.98 -13.37 -17.10
CA THR A 36 19.74 -12.02 -17.59
C THR A 36 19.10 -11.24 -16.45
N VAL A 37 19.69 -10.11 -16.06
CA VAL A 37 19.20 -9.38 -14.89
C VAL A 37 18.90 -7.91 -15.28
N THR A 38 17.73 -7.44 -14.90
CA THR A 38 17.34 -6.04 -15.06
C THR A 38 16.85 -5.52 -13.72
N VAL A 39 17.19 -4.26 -13.39
CA VAL A 39 16.76 -3.62 -12.14
C VAL A 39 15.92 -2.40 -12.46
N SER A 40 14.75 -2.30 -11.83
CA SER A 40 13.98 -1.06 -11.86
C SER A 40 14.18 -0.37 -10.53
N ASP A 41 15.06 0.64 -10.52
CA ASP A 41 15.38 1.39 -9.29
C ASP A 41 14.39 2.55 -9.18
N LEU A 42 13.26 2.30 -8.51
CA LEU A 42 12.14 3.24 -8.56
C LEU A 42 12.46 4.66 -8.13
N TYR A 43 13.21 4.84 -7.04
CA TYR A 43 13.49 6.20 -6.61
C TYR A 43 14.43 6.93 -7.60
N ALA A 44 15.44 6.23 -8.09
CA ALA A 44 16.38 6.79 -9.05
C ALA A 44 15.71 7.14 -10.37
N MET A 45 14.68 6.38 -10.72
CA MET A 45 13.86 6.65 -11.90
C MET A 45 12.83 7.78 -11.62
N ASN A 46 12.73 8.21 -10.36
CA ASN A 46 11.63 9.12 -9.92
C ASN A 46 10.28 8.59 -10.41
N PHE A 47 10.09 7.29 -10.28
CA PHE A 47 8.89 6.62 -10.78
C PHE A 47 7.60 7.29 -10.26
N GLU A 48 6.67 7.59 -11.17
CA GLU A 48 5.40 8.21 -10.82
C GLU A 48 4.46 7.20 -10.11
N PRO A 49 4.07 7.46 -8.86
CA PRO A 49 3.16 6.51 -8.18
C PRO A 49 1.67 6.78 -8.34
N ARG A 50 1.29 7.99 -8.77
CA ARG A 50 -0.14 8.35 -8.82
C ARG A 50 -0.83 7.81 -10.07
N ALA A 51 -2.01 7.23 -9.86
CA ALA A 51 -2.85 6.74 -10.95
C ALA A 51 -3.66 7.92 -11.46
N THR A 52 -3.24 8.49 -12.59
CA THR A 52 -3.90 9.68 -13.11
C THR A 52 -4.18 9.51 -14.60
N ASP A 53 -4.92 10.47 -15.16
CA ASP A 53 -5.26 10.48 -16.59
C ASP A 53 -4.03 10.74 -17.48
N LYS A 54 -2.92 11.14 -16.86
CA LYS A 54 -1.66 11.27 -17.57
C LYS A 54 -1.10 9.92 -18.02
N ASP A 55 -1.65 8.84 -17.48
CA ASP A 55 -1.20 7.48 -17.81
C ASP A 55 -1.67 7.01 -19.16
N ILE A 56 -2.59 7.77 -19.75
CA ILE A 56 -3.13 7.48 -21.07
C ILE A 56 -2.74 8.59 -22.03
N THR A 57 -2.18 8.20 -23.17
CA THR A 57 -1.75 9.16 -24.19
C THR A 57 -2.87 9.28 -25.23
N GLY A 58 -2.86 10.38 -25.99
CA GLY A 58 -3.90 10.63 -26.98
C GLY A 58 -5.16 11.01 -26.23
N THR A 59 -6.32 10.74 -26.82
CA THR A 59 -7.57 11.15 -26.19
C THR A 59 -8.26 10.00 -25.48
N LEU A 60 -9.02 10.34 -24.44
CA LEU A 60 -9.58 9.36 -23.51
C LEU A 60 -10.87 8.72 -23.98
N SER A 61 -11.11 7.49 -23.54
CA SER A 61 -12.28 6.70 -23.89
C SER A 61 -13.59 7.38 -23.50
N ASN A 62 -13.57 8.11 -22.37
CA ASN A 62 -14.72 8.88 -21.89
C ASN A 62 -14.21 10.09 -21.11
N PRO A 63 -13.96 11.22 -21.82
CA PRO A 63 -13.34 12.37 -21.16
C PRO A 63 -14.30 13.22 -20.32
N GLU A 64 -15.50 12.69 -20.06
CA GLU A 64 -16.47 13.38 -19.21
C GLU A 64 -16.37 12.89 -17.76
N VAL A 65 -16.30 11.57 -17.62
CA VAL A 65 -16.17 10.92 -16.33
C VAL A 65 -14.95 10.00 -16.45
N PHE A 66 -13.94 10.23 -15.62
CA PHE A 66 -12.69 9.44 -15.67
C PHE A 66 -12.73 8.23 -14.73
N ASN A 67 -12.63 7.05 -15.33
CA ASN A 67 -12.51 5.78 -14.61
C ASN A 67 -11.11 5.26 -14.93
N TYR A 68 -10.22 5.24 -13.94
CA TYR A 68 -8.86 4.80 -14.18
C TYR A 68 -8.79 3.36 -14.72
N GLY A 69 -9.53 2.46 -14.10
CA GLY A 69 -9.53 1.04 -14.47
C GLY A 69 -9.94 0.84 -15.93
N VAL A 70 -11.06 1.46 -16.28
CA VAL A 70 -11.59 1.36 -17.65
C VAL A 70 -10.62 1.97 -18.65
N GLU A 71 -10.16 3.19 -18.37
CA GLU A 71 -9.30 3.93 -19.30
C GLU A 71 -7.95 3.26 -19.54
N THR A 72 -7.36 2.68 -18.49
CA THR A 72 -6.06 2.03 -18.64
C THR A 72 -6.19 0.67 -19.32
N HIS A 73 -7.28 -0.04 -19.06
CA HIS A 73 -7.59 -1.27 -19.79
C HIS A 73 -7.72 -0.99 -21.29
N GLU A 74 -8.52 0.02 -21.65
CA GLU A 74 -8.68 0.42 -23.05
C GLU A 74 -7.38 0.89 -23.69
N ALA A 75 -6.61 1.68 -22.93
CA ALA A 75 -5.31 2.20 -23.41
C ALA A 75 -4.33 1.07 -23.66
N TYR A 76 -4.32 0.06 -22.78
CA TYR A 76 -3.46 -1.10 -22.97
C TYR A 76 -3.78 -1.83 -24.28
N LYS A 77 -5.05 -2.17 -24.47
CA LYS A 77 -5.54 -2.82 -25.68
C LYS A 77 -5.22 -2.01 -26.92
N GLN A 78 -5.31 -0.69 -26.81
CA GLN A 78 -5.02 0.19 -27.94
C GLN A 78 -3.61 0.77 -27.95
N ARG A 79 -2.71 0.11 -27.22
CA ARG A 79 -1.29 0.51 -27.15
C ARG A 79 -1.13 2.02 -26.91
N SER A 80 -1.89 2.54 -25.94
CA SER A 80 -1.90 3.98 -25.71
C SER A 80 -1.54 4.40 -24.27
N LEU A 81 -0.78 3.57 -23.56
CA LEU A 81 -0.35 3.85 -22.19
C LEU A 81 0.93 4.67 -22.19
N ALA A 82 1.12 5.49 -21.16
CA ALA A 82 2.36 6.27 -21.00
C ALA A 82 3.57 5.34 -21.05
N SER A 83 4.69 5.86 -21.56
CA SER A 83 5.85 5.01 -21.84
C SER A 83 6.54 4.51 -20.55
N ASP A 84 6.46 5.26 -19.45
CA ASP A 84 7.00 4.73 -18.19
C ASP A 84 6.32 3.40 -17.81
N ILE A 85 5.01 3.32 -18.01
CA ILE A 85 4.25 2.10 -17.75
C ILE A 85 4.65 0.97 -18.70
N THR A 86 4.60 1.26 -19.99
CA THR A 86 4.86 0.20 -20.97
C THR A 86 6.32 -0.26 -20.92
N ASP A 87 7.25 0.62 -20.56
CA ASP A 87 8.64 0.22 -20.29
C ASP A 87 8.68 -0.86 -19.19
N GLU A 88 7.90 -0.67 -18.12
CA GLU A 88 7.90 -1.64 -17.03
C GLU A 88 7.20 -2.93 -17.46
N GLN A 89 6.14 -2.80 -18.23
CA GLN A 89 5.43 -3.99 -18.68
C GLN A 89 6.31 -4.87 -19.56
N LYS A 90 7.11 -4.25 -20.43
CA LYS A 90 8.08 -5.02 -21.23
C LYS A 90 9.04 -5.82 -20.35
N LYS A 91 9.57 -5.18 -19.30
CA LYS A 91 10.45 -5.90 -18.38
C LYS A 91 9.75 -7.06 -17.69
N VAL A 92 8.50 -6.85 -17.28
CA VAL A 92 7.74 -7.91 -16.62
C VAL A 92 7.40 -9.06 -17.59
N ARG A 93 6.99 -8.71 -18.79
CA ARG A 93 6.64 -9.70 -19.83
C ARG A 93 7.80 -10.68 -20.08
N GLU A 94 9.01 -10.14 -20.14
CA GLU A 94 10.18 -10.93 -20.49
C GLU A 94 10.77 -11.69 -19.32
N ALA A 95 10.41 -11.26 -18.11
CA ALA A 95 10.96 -11.85 -16.89
C ALA A 95 10.38 -13.24 -16.58
N ASP A 96 11.24 -14.14 -16.10
CA ASP A 96 10.79 -15.43 -15.57
C ASP A 96 10.61 -15.33 -14.07
N LEU A 97 11.36 -14.42 -13.44
CA LEU A 97 11.25 -14.15 -12.02
C LEU A 97 11.25 -12.65 -11.76
N VAL A 98 10.31 -12.20 -10.91
CA VAL A 98 10.30 -10.81 -10.44
C VAL A 98 10.54 -10.79 -8.94
N ILE A 99 11.64 -10.16 -8.53
CA ILE A 99 11.97 -9.98 -7.14
C ILE A 99 11.62 -8.52 -6.77
N PHE A 100 10.90 -8.35 -5.66
CA PHE A 100 10.60 -7.00 -5.10
C PHE A 100 11.46 -6.80 -3.87
N GLN A 101 12.31 -5.79 -3.93
CA GLN A 101 13.23 -5.52 -2.82
C GLN A 101 12.82 -4.20 -2.17
N PHE A 102 12.34 -4.23 -0.92
CA PHE A 102 11.79 -3.02 -0.29
C PHE A 102 11.80 -3.13 1.24
N PRO A 103 11.91 -1.96 1.92
CA PRO A 103 11.65 -1.94 3.36
C PRO A 103 10.13 -1.93 3.59
N LEU A 104 9.68 -2.62 4.64
CA LEU A 104 8.27 -2.60 5.01
C LEU A 104 7.88 -1.19 5.46
N TYR A 105 6.89 -0.58 4.79
CA TYR A 105 6.31 0.69 5.24
C TYR A 105 4.85 0.43 5.59
N TRP A 106 4.53 0.58 6.87
CA TRP A 106 3.13 0.43 7.35
C TRP A 106 2.53 -0.91 6.92
N PHE A 107 3.23 -2.01 7.27
CA PHE A 107 2.78 -3.38 6.98
C PHE A 107 2.55 -3.59 5.47
N SER A 108 3.29 -2.84 4.64
CA SER A 108 3.06 -2.88 3.19
C SER A 108 4.28 -2.38 2.42
N VAL A 109 4.10 -2.09 1.14
CA VAL A 109 5.18 -1.62 0.29
C VAL A 109 5.22 -0.09 0.42
N PRO A 110 6.40 0.53 0.28
CA PRO A 110 6.46 1.99 0.15
C PRO A 110 5.55 2.46 -0.98
N ALA A 111 5.03 3.68 -0.86
CA ALA A 111 4.08 4.19 -1.84
C ALA A 111 4.60 4.16 -3.27
N ILE A 112 5.90 4.42 -3.46
CA ILE A 112 6.46 4.42 -4.81
C ILE A 112 6.30 3.03 -5.45
N LEU A 113 6.48 1.99 -4.65
CA LEU A 113 6.29 0.62 -5.12
C LEU A 113 4.81 0.29 -5.23
N LYS A 114 3.99 0.79 -4.31
CA LYS A 114 2.54 0.59 -4.46
C LYS A 114 2.07 1.16 -5.80
N GLY A 115 2.64 2.30 -6.18
CA GLY A 115 2.30 2.95 -7.45
C GLY A 115 2.73 2.15 -8.67
N TRP A 116 3.89 1.49 -8.60
CA TRP A 116 4.31 0.55 -9.65
C TRP A 116 3.24 -0.54 -9.82
N MET A 117 2.82 -1.14 -8.71
CA MET A 117 1.76 -2.15 -8.77
C MET A 117 0.46 -1.60 -9.36
N ASP A 118 0.03 -0.43 -8.87
CA ASP A 118 -1.23 0.16 -9.32
C ASP A 118 -1.20 0.47 -10.82
N ARG A 119 -0.04 0.95 -11.30
CA ARG A 119 0.07 1.49 -12.66
C ARG A 119 0.57 0.46 -13.70
N VAL A 120 1.48 -0.40 -13.30
CA VAL A 120 2.04 -1.40 -14.22
C VAL A 120 1.13 -2.63 -14.40
N LEU A 121 0.50 -3.08 -13.31
CA LEU A 121 -0.30 -4.31 -13.36
C LEU A 121 -1.76 -4.03 -13.77
N CYS A 122 -1.96 -3.54 -14.99
CA CYS A 122 -3.30 -3.13 -15.40
C CYS A 122 -4.09 -4.29 -16.00
N GLN A 123 -5.41 -4.13 -16.03
CA GLN A 123 -6.28 -5.09 -16.70
C GLN A 123 -5.89 -5.17 -18.18
N GLY A 124 -5.78 -6.39 -18.71
CA GLY A 124 -5.35 -6.61 -20.09
C GLY A 124 -3.91 -7.09 -20.13
N PHE A 125 -3.09 -6.56 -19.23
CA PHE A 125 -1.70 -6.99 -19.07
C PHE A 125 -1.51 -8.09 -18.03
N ALA A 126 -1.92 -7.80 -16.79
CA ALA A 126 -1.66 -8.66 -15.66
C ALA A 126 -2.82 -9.60 -15.35
N PHE A 127 -4.03 -9.18 -15.71
CA PHE A 127 -5.22 -9.98 -15.40
C PHE A 127 -6.36 -9.56 -16.30
N ASP A 128 -7.39 -10.39 -16.33
CA ASP A 128 -8.58 -10.14 -17.12
C ASP A 128 -9.69 -11.08 -16.64
N ILE A 129 -10.86 -11.02 -17.28
CA ILE A 129 -11.90 -12.02 -17.12
C ILE A 129 -11.67 -13.03 -18.26
N PRO A 130 -11.35 -14.30 -17.92
CA PRO A 130 -11.27 -14.95 -16.60
C PRO A 130 -9.84 -15.10 -16.05
N GLY A 131 -8.90 -14.34 -16.62
CA GLY A 131 -7.49 -14.52 -16.29
C GLY A 131 -7.10 -13.93 -14.95
N PHE A 132 -7.45 -14.61 -13.87
CA PHE A 132 -7.06 -14.18 -12.52
C PHE A 132 -6.78 -15.38 -11.59
N TYR A 133 -5.98 -15.13 -10.56
CA TYR A 133 -5.40 -16.16 -9.68
C TYR A 133 -4.62 -17.24 -10.44
N ASP A 134 -4.97 -18.51 -10.28
CA ASP A 134 -4.32 -19.61 -11.01
C ASP A 134 -4.22 -19.39 -12.53
N SER A 135 -5.25 -18.79 -13.12
CA SER A 135 -5.27 -18.49 -14.55
C SER A 135 -4.87 -17.03 -14.90
N GLY A 136 -4.33 -16.29 -13.95
CA GLY A 136 -3.90 -14.90 -14.20
C GLY A 136 -2.93 -14.79 -15.37
N LEU A 137 -2.92 -13.63 -16.04
CA LEU A 137 -2.20 -13.47 -17.31
C LEU A 137 -0.67 -13.61 -17.22
N LEU A 138 -0.13 -13.46 -16.01
CA LEU A 138 1.30 -13.61 -15.81
C LEU A 138 1.67 -15.03 -15.33
N GLN A 139 0.81 -16.01 -15.60
CA GLN A 139 1.05 -17.41 -15.22
C GLN A 139 2.36 -17.93 -15.82
N GLY A 140 3.07 -18.75 -15.05
CA GLY A 140 4.34 -19.28 -15.49
C GLY A 140 5.51 -18.49 -14.93
N LYS A 141 5.21 -17.28 -14.46
CA LYS A 141 6.25 -16.43 -13.85
C LYS A 141 6.32 -16.66 -12.36
N LEU A 142 7.51 -16.49 -11.81
CA LEU A 142 7.72 -16.54 -10.40
C LEU A 142 7.82 -15.13 -9.83
N ALA A 143 7.38 -14.96 -8.60
CA ALA A 143 7.52 -13.69 -7.89
C ALA A 143 8.00 -13.95 -6.48
N LEU A 144 8.74 -13.00 -5.92
CA LEU A 144 9.37 -13.18 -4.63
C LEU A 144 9.50 -11.83 -3.95
N LEU A 145 8.96 -11.74 -2.73
CA LEU A 145 9.10 -10.53 -1.92
C LEU A 145 10.33 -10.64 -1.03
N SER A 146 11.26 -9.71 -1.21
CA SER A 146 12.40 -9.58 -0.31
C SER A 146 12.26 -8.28 0.51
N VAL A 147 11.87 -8.46 1.78
CA VAL A 147 11.42 -7.37 2.66
C VAL A 147 12.38 -7.22 3.83
N THR A 148 12.67 -5.97 4.18
CA THR A 148 13.36 -5.68 5.43
C THR A 148 12.33 -5.03 6.37
N THR A 149 12.54 -5.20 7.68
CA THR A 149 11.60 -4.65 8.67
C THR A 149 12.33 -3.83 9.74
N GLY A 150 11.59 -3.00 10.47
CA GLY A 150 12.11 -2.41 11.70
C GLY A 150 11.94 -3.36 12.87
N GLY A 151 10.86 -4.11 12.88
CA GLY A 151 10.54 -5.04 13.97
C GLY A 151 11.31 -6.34 13.87
N THR A 152 11.84 -6.80 15.00
CA THR A 152 12.55 -8.10 15.08
C THR A 152 11.60 -9.26 14.77
N ALA A 153 12.16 -10.44 14.49
CA ALA A 153 11.35 -11.62 14.22
C ALA A 153 10.40 -11.97 15.37
N GLU A 154 10.88 -11.78 16.60
CA GLU A 154 10.07 -12.01 17.81
C GLU A 154 8.82 -11.14 17.78
N MET A 155 8.99 -9.87 17.41
CA MET A 155 7.86 -8.94 17.31
C MET A 155 6.79 -9.36 16.29
N TYR A 156 7.18 -10.17 15.31
CA TYR A 156 6.25 -10.64 14.26
C TYR A 156 5.74 -12.08 14.43
N THR A 157 5.61 -12.53 15.67
CA THR A 157 5.03 -13.84 15.93
C THR A 157 3.51 -13.73 16.06
N LYS A 158 2.84 -14.87 15.94
CA LYS A 158 1.36 -14.92 15.87
C LYS A 158 0.69 -14.26 17.06
N THR A 159 1.30 -14.39 18.23
CA THR A 159 0.85 -13.70 19.43
C THR A 159 1.91 -12.68 19.84
N GLY A 160 2.36 -11.92 18.85
CA GLY A 160 3.23 -10.77 19.08
C GLY A 160 2.41 -9.49 19.00
N VAL A 161 3.05 -8.35 19.27
CA VAL A 161 2.42 -7.04 19.11
C VAL A 161 1.91 -6.84 17.66
N ASN A 162 2.78 -7.13 16.71
CA ASN A 162 2.53 -6.86 15.31
C ASN A 162 1.79 -7.99 14.60
N GLY A 163 1.56 -9.09 15.29
CA GLY A 163 0.96 -10.27 14.67
C GLY A 163 1.95 -11.02 13.80
N ASP A 164 1.48 -12.06 13.11
CA ASP A 164 2.31 -12.90 12.23
C ASP A 164 2.71 -12.13 10.97
N SER A 165 3.98 -12.26 10.55
CA SER A 165 4.49 -11.78 9.26
C SER A 165 3.56 -12.09 8.10
N ARG A 166 2.99 -13.28 8.10
CA ARG A 166 2.17 -13.73 6.99
C ARG A 166 0.88 -12.93 6.87
N TYR A 167 0.42 -12.36 7.98
CA TYR A 167 -0.79 -11.53 7.96
C TYR A 167 -0.65 -10.34 7.02
N PHE A 168 0.49 -9.64 7.07
CA PHE A 168 0.69 -8.47 6.17
C PHE A 168 1.04 -8.87 4.74
N LEU A 169 1.56 -10.09 4.56
CA LEU A 169 1.91 -10.58 3.23
C LEU A 169 0.71 -10.80 2.34
N TRP A 170 -0.45 -11.01 2.95
CA TRP A 170 -1.65 -11.39 2.19
C TRP A 170 -2.03 -10.44 1.03
N PRO A 171 -2.13 -9.12 1.30
CA PRO A 171 -2.50 -8.22 0.18
C PRO A 171 -1.48 -8.24 -0.97
N LEU A 172 -0.21 -8.46 -0.64
CA LEU A 172 0.85 -8.44 -1.66
C LEU A 172 0.98 -9.78 -2.39
N GLN A 173 1.21 -10.84 -1.62
CA GLN A 173 1.34 -12.18 -2.18
C GLN A 173 0.07 -12.68 -2.85
N HIS A 174 -1.08 -12.55 -2.17
CA HIS A 174 -2.28 -13.17 -2.69
C HIS A 174 -3.11 -12.19 -3.49
N GLY A 175 -3.44 -11.06 -2.88
CA GLY A 175 -4.26 -10.06 -3.50
C GLY A 175 -3.67 -9.46 -4.76
N THR A 176 -2.34 -9.44 -4.83
CA THR A 176 -1.65 -8.83 -5.98
C THR A 176 -0.96 -9.88 -6.88
N LEU A 177 0.07 -10.52 -6.36
CA LEU A 177 0.93 -11.39 -7.18
C LEU A 177 0.22 -12.66 -7.63
N HIS A 178 -0.33 -13.42 -6.67
CA HIS A 178 -1.16 -14.59 -7.03
C HIS A 178 -2.34 -14.21 -7.94
N PHE A 179 -2.97 -13.07 -7.69
CA PHE A 179 -4.09 -12.62 -8.53
C PHE A 179 -3.71 -12.47 -9.99
N CYS A 180 -2.48 -12.03 -10.24
CA CYS A 180 -2.01 -11.85 -11.62
C CYS A 180 -1.47 -13.14 -12.25
N GLY A 181 -1.46 -14.23 -11.48
CA GLY A 181 -1.01 -15.52 -12.02
C GLY A 181 0.39 -15.94 -11.63
N PHE A 182 1.10 -15.10 -10.88
CA PHE A 182 2.42 -15.46 -10.37
C PHE A 182 2.38 -16.67 -9.45
N LYS A 183 3.37 -17.53 -9.58
CA LYS A 183 3.70 -18.49 -8.57
C LYS A 183 4.59 -17.75 -7.59
N VAL A 184 4.25 -17.81 -6.31
CA VAL A 184 4.94 -17.03 -5.28
C VAL A 184 5.95 -17.89 -4.53
N LEU A 185 7.21 -17.52 -4.61
CA LEU A 185 8.23 -18.14 -3.78
C LEU A 185 8.14 -17.61 -2.35
N ALA A 186 8.65 -18.39 -1.40
CA ALA A 186 8.68 -17.98 0.01
C ALA A 186 9.38 -16.63 0.18
N PRO A 187 8.80 -15.73 1.00
CA PRO A 187 9.41 -14.41 1.13
C PRO A 187 10.77 -14.48 1.75
N GLN A 188 11.65 -13.58 1.37
CA GLN A 188 12.86 -13.40 2.11
C GLN A 188 12.59 -12.25 3.05
N ILE A 189 12.54 -12.54 4.35
CA ILE A 189 12.35 -11.45 5.30
C ILE A 189 13.61 -11.24 6.11
N SER A 190 14.21 -10.06 5.94
CA SER A 190 15.40 -9.71 6.69
C SER A 190 14.98 -8.81 7.85
N PHE A 191 14.81 -9.43 9.02
CA PHE A 191 14.28 -8.73 10.21
C PHE A 191 15.28 -7.80 10.86
N ALA A 192 14.86 -6.54 11.01
CA ALA A 192 15.52 -5.55 11.88
C ALA A 192 17.02 -5.29 11.64
N PRO A 193 17.42 -4.98 10.39
CA PRO A 193 18.83 -4.67 10.15
C PRO A 193 19.42 -3.52 10.98
N GLU A 194 18.60 -2.54 11.36
CA GLU A 194 19.12 -1.33 12.01
C GLU A 194 19.63 -1.56 13.43
N ILE A 195 19.09 -2.59 14.09
CA ILE A 195 19.54 -2.94 15.44
C ILE A 195 20.70 -3.94 15.39
N ALA A 196 21.30 -4.05 14.20
CA ALA A 196 22.59 -4.76 13.95
C ALA A 196 22.56 -6.21 14.45
N SER A 197 23.70 -6.86 14.75
CA SER A 197 25.08 -6.34 14.65
C SER A 197 25.60 -6.22 13.22
N GLU A 198 26.71 -5.48 13.07
CA GLU A 198 27.38 -5.31 11.79
C GLU A 198 27.74 -6.67 11.18
N GLU A 199 28.13 -7.61 12.04
CA GLU A 199 28.36 -9.00 11.63
C GLU A 199 27.07 -9.77 11.35
N GLU A 200 26.00 -9.45 12.08
CA GLU A 200 24.69 -10.09 11.90
C GLU A 200 24.01 -9.64 10.61
N ARG A 201 24.28 -8.38 10.24
CA ARG A 201 23.85 -7.81 8.96
C ARG A 201 24.57 -8.52 7.81
N LYS A 202 25.89 -8.62 7.92
CA LYS A 202 26.72 -9.42 7.01
C LYS A 202 26.11 -10.80 6.76
N GLY A 203 25.66 -11.44 7.83
CA GLY A 203 25.07 -12.77 7.77
C GLY A 203 23.71 -12.88 7.12
N MET A 204 22.93 -11.80 7.15
CA MET A 204 21.63 -11.81 6.49
C MET A 204 21.82 -11.63 4.98
N VAL A 205 22.77 -10.75 4.62
CA VAL A 205 23.15 -10.51 3.24
C VAL A 205 23.67 -11.82 2.64
N ALA A 206 24.63 -12.45 3.34
CA ALA A 206 25.15 -13.75 2.91
C ALA A 206 24.07 -14.80 2.68
N ALA A 207 23.07 -14.87 3.58
CA ALA A 207 22.01 -15.89 3.50
C ALA A 207 21.05 -15.70 2.31
N TRP A 208 20.86 -14.45 1.92
CA TRP A 208 20.07 -14.10 0.74
C TRP A 208 20.83 -14.55 -0.51
N SER A 209 22.13 -14.30 -0.51
CA SER A 209 22.99 -14.72 -1.61
C SER A 209 22.98 -16.25 -1.74
N GLN A 210 23.17 -16.95 -0.61
CA GLN A 210 23.14 -18.41 -0.59
C GLN A 210 21.82 -18.96 -1.11
N ARG A 211 20.70 -18.40 -0.66
CA ARG A 211 19.40 -18.86 -1.18
C ARG A 211 19.25 -18.66 -2.69
N LEU A 212 19.81 -17.57 -3.21
CA LEU A 212 19.70 -17.29 -4.65
C LEU A 212 20.44 -18.33 -5.51
N GLN A 213 21.46 -18.97 -4.94
CA GLN A 213 22.19 -20.04 -5.61
C GLN A 213 21.28 -21.14 -6.13
N THR A 214 20.24 -21.47 -5.36
CA THR A 214 19.32 -22.56 -5.72
C THR A 214 17.87 -22.12 -5.94
N ILE A 215 17.71 -20.85 -6.35
CA ILE A 215 16.38 -20.24 -6.45
C ILE A 215 15.46 -20.96 -7.44
N TRP A 216 16.02 -21.43 -8.56
CA TRP A 216 15.25 -22.08 -9.62
C TRP A 216 14.80 -23.50 -9.27
N LYS A 217 15.38 -24.07 -8.22
CA LYS A 217 14.98 -25.39 -7.74
C LYS A 217 13.77 -25.34 -6.82
N GLU A 218 13.58 -24.20 -6.16
CA GLU A 218 12.47 -23.99 -5.20
C GLU A 218 11.07 -24.22 -5.77
N GLU A 219 10.17 -24.70 -4.91
CA GLU A 219 8.74 -24.78 -5.22
C GLU A 219 8.02 -23.53 -4.70
N PRO A 220 7.04 -23.01 -5.46
CA PRO A 220 6.18 -21.92 -4.96
C PRO A 220 5.42 -22.31 -3.69
N ILE A 221 5.16 -21.34 -2.79
CA ILE A 221 4.32 -21.58 -1.62
C ILE A 221 2.88 -21.92 -2.03
N PRO A 222 2.11 -22.60 -1.15
CA PRO A 222 0.69 -22.67 -1.48
C PRO A 222 0.08 -21.31 -1.11
N CYS A 223 -0.31 -20.52 -2.10
CA CYS A 223 -0.71 -19.14 -1.82
C CYS A 223 -2.20 -19.10 -1.46
N THR A 224 -2.49 -19.51 -0.22
CA THR A 224 -3.88 -19.68 0.21
C THR A 224 -4.14 -18.93 1.50
N ALA A 225 -5.41 -18.73 1.82
CA ALA A 225 -5.80 -18.18 3.11
C ALA A 225 -5.15 -18.99 4.24
N HIS A 226 -5.14 -20.32 4.07
CA HIS A 226 -4.57 -21.22 5.06
C HIS A 226 -3.10 -20.97 5.37
N TRP A 227 -2.28 -20.85 4.31
CA TRP A 227 -0.84 -20.57 4.48
C TRP A 227 -0.60 -19.28 5.26
N HIS A 228 -1.36 -18.23 4.95
CA HIS A 228 -1.17 -16.92 5.58
C HIS A 228 -1.74 -16.84 7.01
N PHE A 229 -2.93 -17.40 7.21
CA PHE A 229 -3.65 -17.19 8.47
C PHE A 229 -3.73 -18.43 9.36
N GLY B 3 -19.06 19.80 20.23
CA GLY B 3 -18.47 20.23 18.92
C GLY B 3 -17.33 19.31 18.50
N LYS B 4 -17.33 18.88 17.25
CA LYS B 4 -16.34 17.91 16.77
C LYS B 4 -15.73 18.31 15.42
N LYS B 5 -14.46 17.96 15.24
CA LYS B 5 -13.75 18.20 13.98
C LYS B 5 -13.53 16.87 13.25
N VAL B 6 -13.83 16.85 11.95
CA VAL B 6 -13.68 15.67 11.11
C VAL B 6 -12.73 16.02 9.96
N LEU B 7 -11.74 15.15 9.72
CA LEU B 7 -10.91 15.23 8.52
C LEU B 7 -11.26 14.06 7.63
N ILE B 8 -11.63 14.35 6.39
CA ILE B 8 -11.78 13.33 5.37
C ILE B 8 -10.56 13.33 4.44
N VAL B 9 -9.82 12.21 4.44
CA VAL B 9 -8.71 12.03 3.50
C VAL B 9 -9.27 11.25 2.30
N TYR B 10 -9.33 11.92 1.16
CA TYR B 10 -10.07 11.44 0.00
C TYR B 10 -9.14 11.17 -1.16
N ALA B 11 -9.23 9.96 -1.75
CA ALA B 11 -8.33 9.52 -2.83
C ALA B 11 -9.10 8.96 -4.02
N HIS B 12 -9.64 9.86 -4.85
CA HIS B 12 -10.27 9.46 -6.13
C HIS B 12 -10.09 10.58 -7.13
N GLN B 13 -9.80 10.19 -8.37
CA GLN B 13 -9.51 11.16 -9.43
C GLN B 13 -10.75 11.94 -9.93
N GLU B 14 -11.93 11.35 -9.75
CA GLU B 14 -13.14 11.82 -10.43
C GLU B 14 -14.23 12.27 -9.45
N PRO B 15 -14.53 13.58 -9.45
CA PRO B 15 -15.59 14.13 -8.58
C PRO B 15 -16.95 13.42 -8.74
N LYS B 16 -17.27 13.01 -9.96
CA LYS B 16 -18.57 12.37 -10.23
C LYS B 16 -18.59 10.88 -9.89
N SER B 17 -17.48 10.36 -9.36
CA SER B 17 -17.38 8.94 -9.04
C SER B 17 -18.24 8.59 -7.84
N PHE B 18 -18.41 7.29 -7.62
CA PHE B 18 -19.09 6.77 -6.45
C PHE B 18 -18.35 7.18 -5.16
N ASN B 19 -17.01 7.13 -5.18
CA ASN B 19 -16.23 7.66 -4.05
C ASN B 19 -16.53 9.15 -3.82
N GLY B 20 -16.59 9.92 -4.90
CA GLY B 20 -16.94 11.34 -4.80
C GLY B 20 -18.26 11.59 -4.10
N SER B 21 -19.27 10.79 -4.45
CA SER B 21 -20.60 10.85 -3.82
C SER B 21 -20.56 10.49 -2.33
N LEU B 22 -19.77 9.49 -1.98
CA LEU B 22 -19.62 9.07 -0.60
C LEU B 22 -18.94 10.17 0.21
N LYS B 23 -17.93 10.80 -0.39
CA LYS B 23 -17.26 11.94 0.24
C LYS B 23 -18.25 13.10 0.42
N ASN B 24 -19.01 13.40 -0.62
CA ASN B 24 -19.95 14.52 -0.58
C ASN B 24 -21.06 14.34 0.45
N VAL B 25 -21.63 13.13 0.54
CA VAL B 25 -22.67 12.93 1.56
C VAL B 25 -22.07 12.98 2.96
N ALA B 26 -20.82 12.54 3.11
CA ALA B 26 -20.13 12.68 4.40
C ALA B 26 -20.04 14.14 4.78
N VAL B 27 -19.56 14.97 3.86
CA VAL B 27 -19.45 16.41 4.10
C VAL B 27 -20.83 17.01 4.41
N ASP B 28 -21.83 16.69 3.58
CA ASP B 28 -23.20 17.20 3.77
C ASP B 28 -23.74 16.85 5.16
N GLU B 29 -23.62 15.58 5.55
CA GLU B 29 -24.23 15.09 6.79
C GLU B 29 -23.50 15.58 8.04
N LEU B 30 -22.18 15.58 8.01
CA LEU B 30 -21.42 16.07 9.15
C LEU B 30 -21.60 17.58 9.28
N SER B 31 -21.64 18.28 8.14
CA SER B 31 -21.89 19.74 8.13
C SER B 31 -23.30 20.07 8.68
N ARG B 32 -24.30 19.29 8.27
CA ARG B 32 -25.67 19.44 8.80
C ARG B 32 -25.74 19.28 10.32
N GLN B 33 -24.94 18.35 10.86
CA GLN B 33 -24.90 18.13 12.31
C GLN B 33 -24.20 19.25 13.04
N GLY B 34 -23.52 20.13 12.32
CA GLY B 34 -22.78 21.22 12.95
C GLY B 34 -21.31 20.90 13.22
N CYS B 35 -20.84 19.76 12.73
CA CYS B 35 -19.42 19.41 12.84
C CYS B 35 -18.57 20.31 11.96
N THR B 36 -17.33 20.50 12.38
CA THR B 36 -16.32 21.15 11.59
C THR B 36 -15.72 20.11 10.65
N VAL B 37 -15.67 20.41 9.35
CA VAL B 37 -15.28 19.40 8.37
C VAL B 37 -14.20 19.94 7.44
N THR B 38 -13.17 19.12 7.24
CA THR B 38 -12.04 19.41 6.32
C THR B 38 -11.83 18.20 5.42
N VAL B 39 -11.57 18.44 4.13
CA VAL B 39 -11.29 17.36 3.19
C VAL B 39 -9.90 17.59 2.58
N SER B 40 -9.05 16.57 2.64
CA SER B 40 -7.82 16.56 1.89
C SER B 40 -8.08 15.75 0.63
N ASP B 41 -8.27 16.43 -0.50
CA ASP B 41 -8.55 15.74 -1.78
C ASP B 41 -7.19 15.48 -2.45
N LEU B 42 -6.62 14.30 -2.20
CA LEU B 42 -5.20 14.09 -2.52
C LEU B 42 -4.87 14.29 -4.00
N TYR B 43 -5.70 13.79 -4.91
CA TYR B 43 -5.40 13.97 -6.34
C TYR B 43 -5.46 15.42 -6.77
N ALA B 44 -6.47 16.15 -6.28
CA ALA B 44 -6.65 17.55 -6.63
C ALA B 44 -5.49 18.37 -6.07
N MET B 45 -4.98 17.95 -4.92
CA MET B 45 -3.79 18.58 -4.33
C MET B 45 -2.46 18.17 -5.02
N ASN B 46 -2.51 17.19 -5.96
CA ASN B 46 -1.29 16.57 -6.50
C ASN B 46 -0.34 16.13 -5.39
N PHE B 47 -0.92 15.55 -4.33
CA PHE B 47 -0.15 15.17 -3.15
C PHE B 47 1.03 14.26 -3.52
N GLU B 48 2.21 14.60 -3.02
CA GLU B 48 3.46 13.85 -3.28
C GLU B 48 3.46 12.54 -2.50
N PRO B 49 3.46 11.39 -3.19
CA PRO B 49 3.46 10.13 -2.40
C PRO B 49 4.86 9.60 -2.04
N ARG B 50 5.91 10.05 -2.74
CA ARG B 50 7.23 9.45 -2.57
C ARG B 50 7.90 9.96 -1.31
N ALA B 51 8.45 9.04 -0.53
CA ALA B 51 9.23 9.34 0.65
C ALA B 51 10.65 9.64 0.20
N THR B 52 11.01 10.91 0.15
CA THR B 52 12.35 11.27 -0.36
C THR B 52 13.05 12.28 0.56
N ASP B 53 14.32 12.52 0.27
CA ASP B 53 15.12 13.49 1.01
C ASP B 53 14.62 14.93 0.83
N LYS B 54 13.74 15.16 -0.15
CA LYS B 54 13.09 16.46 -0.32
C LYS B 54 12.11 16.79 0.83
N ASP B 55 11.80 15.79 1.64
CA ASP B 55 10.87 15.95 2.75
C ASP B 55 11.52 16.58 3.96
N ILE B 56 12.86 16.71 3.93
CA ILE B 56 13.58 17.37 5.00
C ILE B 56 14.31 18.58 4.42
N THR B 57 14.14 19.74 5.05
CA THR B 57 14.81 20.95 4.55
C THR B 57 16.07 21.34 5.33
N GLY B 58 16.24 20.80 6.53
CA GLY B 58 17.40 21.13 7.35
C GLY B 58 18.63 20.28 7.08
N THR B 59 19.67 20.52 7.85
CA THR B 59 20.85 19.68 7.87
C THR B 59 20.46 18.26 8.28
N LEU B 60 20.87 17.29 7.47
CA LEU B 60 20.57 15.89 7.76
C LEU B 60 21.43 15.39 8.89
N SER B 61 20.86 14.50 9.71
CA SER B 61 21.57 13.93 10.83
C SER B 61 22.77 13.09 10.35
N ASN B 62 22.55 12.30 9.30
CA ASN B 62 23.62 11.51 8.68
C ASN B 62 23.58 11.66 7.17
N PRO B 63 24.30 12.69 6.64
CA PRO B 63 24.21 13.01 5.21
C PRO B 63 24.87 11.97 4.29
N GLU B 64 25.75 11.14 4.82
CA GLU B 64 26.45 10.11 4.03
C GLU B 64 25.55 8.89 3.70
N VAL B 65 24.68 8.52 4.62
CA VAL B 65 23.76 7.42 4.39
C VAL B 65 22.34 7.88 4.79
N PHE B 66 21.52 8.17 3.78
CA PHE B 66 20.18 8.67 4.00
C PHE B 66 19.22 7.58 4.49
N ASN B 67 18.64 7.81 5.66
CA ASN B 67 17.65 6.90 6.25
C ASN B 67 16.38 7.71 6.47
N TYR B 68 15.33 7.40 5.70
CA TYR B 68 14.12 8.23 5.71
C TYR B 68 13.47 8.34 7.10
N GLY B 69 13.38 7.23 7.82
CA GLY B 69 12.74 7.21 9.13
C GLY B 69 13.52 8.06 10.13
N VAL B 70 14.83 7.87 10.14
CA VAL B 70 15.72 8.63 11.05
C VAL B 70 15.62 10.14 10.75
N GLU B 71 15.73 10.48 9.47
CA GLU B 71 15.75 11.89 9.07
C GLU B 71 14.41 12.62 9.26
N THR B 72 13.29 11.94 9.02
CA THR B 72 12.00 12.56 9.28
C THR B 72 11.65 12.70 10.76
N HIS B 73 12.07 11.74 11.60
CA HIS B 73 11.84 11.84 13.04
C HIS B 73 12.58 13.08 13.54
N GLU B 74 13.83 13.22 13.14
CA GLU B 74 14.63 14.38 13.51
C GLU B 74 14.10 15.69 12.95
N ALA B 75 13.68 15.68 11.69
CA ALA B 75 13.08 16.85 11.07
C ALA B 75 11.78 17.29 11.74
N TYR B 76 10.97 16.31 12.16
CA TYR B 76 9.74 16.64 12.88
C TYR B 76 10.07 17.39 14.19
N LYS B 77 11.02 16.87 14.96
CA LYS B 77 11.41 17.49 16.23
C LYS B 77 12.02 18.89 16.03
N GLN B 78 12.74 19.08 14.92
CA GLN B 78 13.38 20.35 14.62
C GLN B 78 12.51 21.33 13.86
N ARG B 79 11.36 20.86 13.37
CA ARG B 79 10.47 21.61 12.46
C ARG B 79 11.14 21.93 11.13
N SER B 80 11.78 20.92 10.56
CA SER B 80 12.36 21.08 9.23
C SER B 80 11.73 20.15 8.20
N LEU B 81 10.52 19.65 8.48
CA LEU B 81 9.77 18.86 7.48
C LEU B 81 9.18 19.75 6.41
N ALA B 82 8.98 19.19 5.21
CA ALA B 82 8.33 19.91 4.13
C ALA B 82 6.95 20.35 4.60
N SER B 83 6.54 21.53 4.16
CA SER B 83 5.31 22.12 4.64
C SER B 83 4.05 21.34 4.21
N ASP B 84 4.12 20.60 3.10
CA ASP B 84 2.96 19.80 2.70
C ASP B 84 2.64 18.72 3.74
N ILE B 85 3.70 18.20 4.39
CA ILE B 85 3.56 17.21 5.45
C ILE B 85 2.98 17.88 6.70
N THR B 86 3.59 19.00 7.11
CA THR B 86 3.14 19.65 8.32
C THR B 86 1.73 20.23 8.16
N ASP B 87 1.36 20.65 6.94
CA ASP B 87 -0.05 21.01 6.68
C ASP B 87 -1.02 19.87 7.01
N GLU B 88 -0.68 18.66 6.58
CA GLU B 88 -1.55 17.52 6.83
C GLU B 88 -1.57 17.18 8.31
N GLN B 89 -0.41 17.28 8.95
CA GLN B 89 -0.31 16.99 10.38
C GLN B 89 -1.19 17.89 11.23
N LYS B 90 -1.29 19.16 10.84
CA LYS B 90 -2.18 20.10 11.54
C LYS B 90 -3.63 19.65 11.47
N LYS B 91 -4.05 19.20 10.28
CA LYS B 91 -5.41 18.73 10.09
C LYS B 91 -5.70 17.50 10.97
N VAL B 92 -4.75 16.58 11.02
CA VAL B 92 -4.89 15.37 11.83
C VAL B 92 -4.90 15.71 13.32
N ARG B 93 -3.98 16.59 13.73
CA ARG B 93 -3.88 17.00 15.14
C ARG B 93 -5.19 17.56 15.67
N GLU B 94 -5.81 18.43 14.88
CA GLU B 94 -7.05 19.04 15.30
C GLU B 94 -8.28 18.15 15.19
N ALA B 95 -8.20 17.10 14.37
CA ALA B 95 -9.37 16.20 14.10
C ALA B 95 -9.73 15.28 15.27
N ASP B 96 -11.02 15.08 15.50
CA ASP B 96 -11.50 14.10 16.47
C ASP B 96 -11.74 12.76 15.77
N LEU B 97 -12.12 12.85 14.50
CA LEU B 97 -12.35 11.70 13.63
C LEU B 97 -11.68 11.93 12.28
N VAL B 98 -10.99 10.89 11.79
CA VAL B 98 -10.42 10.93 10.43
C VAL B 98 -11.07 9.80 9.64
N ILE B 99 -11.71 10.17 8.54
CA ILE B 99 -12.33 9.20 7.64
C ILE B 99 -11.44 9.11 6.41
N PHE B 100 -11.14 7.89 5.95
CA PHE B 100 -10.43 7.66 4.69
C PHE B 100 -11.43 7.16 3.69
N GLN B 101 -11.56 7.89 2.60
CA GLN B 101 -12.50 7.50 1.53
C GLN B 101 -11.68 7.14 0.29
N PHE B 102 -11.77 5.89 -0.15
CA PHE B 102 -10.93 5.43 -1.25
C PHE B 102 -11.46 4.17 -1.88
N PRO B 103 -11.17 3.99 -3.18
CA PRO B 103 -11.37 2.71 -3.84
C PRO B 103 -10.25 1.76 -3.47
N LEU B 104 -10.59 0.51 -3.24
CA LEU B 104 -9.57 -0.50 -2.97
C LEU B 104 -8.69 -0.72 -4.21
N TYR B 105 -7.38 -0.61 -4.02
CA TYR B 105 -6.41 -0.87 -5.08
C TYR B 105 -5.48 -1.98 -4.59
N TRP B 106 -5.53 -3.13 -5.24
CA TRP B 106 -4.69 -4.26 -4.83
C TRP B 106 -4.78 -4.55 -3.33
N PHE B 107 -6.03 -4.72 -2.85
CA PHE B 107 -6.28 -5.12 -1.46
C PHE B 107 -5.76 -4.07 -0.46
N SER B 108 -5.64 -2.82 -0.90
CA SER B 108 -4.99 -1.79 -0.08
C SER B 108 -5.42 -0.40 -0.54
N VAL B 109 -4.73 0.64 -0.07
CA VAL B 109 -5.06 1.99 -0.50
C VAL B 109 -4.36 2.31 -1.84
N PRO B 110 -4.94 3.21 -2.65
CA PRO B 110 -4.21 3.74 -3.81
C PRO B 110 -2.89 4.34 -3.36
N ALA B 111 -1.86 4.24 -4.20
CA ALA B 111 -0.53 4.72 -3.83
C ALA B 111 -0.50 6.14 -3.31
N ILE B 112 -1.33 7.02 -3.86
CA ILE B 112 -1.31 8.43 -3.41
C ILE B 112 -1.71 8.54 -1.94
N LEU B 113 -2.64 7.69 -1.52
CA LEU B 113 -3.02 7.63 -0.10
C LEU B 113 -1.98 6.85 0.71
N LYS B 114 -1.39 5.81 0.13
CA LYS B 114 -0.28 5.15 0.84
C LYS B 114 0.84 6.16 1.17
N GLY B 115 1.10 7.09 0.25
CA GLY B 115 2.14 8.09 0.47
C GLY B 115 1.80 9.09 1.56
N TRP B 116 0.52 9.40 1.68
CA TRP B 116 0.00 10.22 2.76
C TRP B 116 0.32 9.50 4.07
N MET B 117 0.01 8.21 4.15
CA MET B 117 0.34 7.49 5.38
C MET B 117 1.85 7.48 5.63
N ASP B 118 2.62 7.15 4.59
CA ASP B 118 4.09 7.06 4.72
C ASP B 118 4.73 8.38 5.19
N ARG B 119 4.22 9.49 4.66
CA ARG B 119 4.88 10.78 4.85
C ARG B 119 4.31 11.58 6.02
N VAL B 120 3.01 11.48 6.24
CA VAL B 120 2.37 12.30 7.27
C VAL B 120 2.51 11.68 8.66
N LEU B 121 2.41 10.35 8.73
CA LEU B 121 2.41 9.68 10.04
C LEU B 121 3.82 9.35 10.50
N CYS B 122 4.65 10.38 10.68
CA CYS B 122 6.06 10.13 11.00
C CYS B 122 6.27 9.88 12.49
N GLN B 123 7.45 9.36 12.84
CA GLN B 123 7.80 9.13 14.24
C GLN B 123 7.94 10.50 14.90
N GLY B 124 7.46 10.59 16.14
CA GLY B 124 7.43 11.87 16.86
C GLY B 124 6.06 12.55 16.74
N PHE B 125 5.40 12.39 15.60
CA PHE B 125 4.05 12.93 15.43
C PHE B 125 2.97 11.89 15.76
N ALA B 126 3.03 10.73 15.09
CA ALA B 126 1.96 9.74 15.11
C ALA B 126 2.24 8.59 16.08
N PHE B 127 3.52 8.39 16.38
CA PHE B 127 3.96 7.34 17.28
C PHE B 127 5.39 7.63 17.72
N ASP B 128 5.81 6.94 18.76
CA ASP B 128 7.21 6.89 19.12
C ASP B 128 7.52 5.47 19.55
N ILE B 129 8.80 5.20 19.79
CA ILE B 129 9.24 3.90 20.28
C ILE B 129 9.95 4.19 21.59
N PRO B 130 9.29 3.93 22.74
CA PRO B 130 7.95 3.36 22.91
C PRO B 130 6.87 4.43 22.75
N GLY B 131 5.62 4.02 22.50
CA GLY B 131 4.53 4.96 22.25
C GLY B 131 3.77 4.61 20.99
N PHE B 132 3.26 3.39 20.96
CA PHE B 132 2.53 2.87 19.80
C PHE B 132 1.41 1.93 20.27
N TYR B 133 0.59 1.48 19.32
CA TYR B 133 -0.70 0.84 19.60
C TYR B 133 -1.49 1.63 20.64
N ASP B 134 -1.90 1.01 21.76
CA ASP B 134 -2.71 1.73 22.74
C ASP B 134 -1.99 2.95 23.34
N SER B 135 -0.66 3.01 23.17
CA SER B 135 0.11 4.16 23.65
C SER B 135 0.52 5.12 22.50
N GLY B 136 -0.01 4.87 21.30
CA GLY B 136 0.27 5.73 20.13
C GLY B 136 -0.05 7.19 20.39
N LEU B 137 0.59 8.09 19.63
CA LEU B 137 0.47 9.52 19.91
C LEU B 137 -0.86 10.13 19.49
N LEU B 138 -1.61 9.45 18.61
CA LEU B 138 -2.90 9.98 18.19
C LEU B 138 -4.03 9.35 19.01
N GLN B 139 -3.69 8.87 20.21
CA GLN B 139 -4.71 8.34 21.11
C GLN B 139 -5.81 9.36 21.37
N GLY B 140 -7.04 8.87 21.52
CA GLY B 140 -8.19 9.75 21.72
C GLY B 140 -8.91 10.05 20.42
N LYS B 141 -8.26 9.80 19.29
CA LYS B 141 -8.86 10.08 17.99
C LYS B 141 -9.50 8.83 17.45
N LEU B 142 -10.52 9.02 16.62
CA LEU B 142 -11.21 7.94 15.94
C LEU B 142 -10.77 7.91 14.47
N ALA B 143 -10.75 6.73 13.88
CA ALA B 143 -10.51 6.62 12.45
C ALA B 143 -11.50 5.63 11.86
N LEU B 144 -11.82 5.83 10.59
CA LEU B 144 -12.78 4.98 9.89
C LEU B 144 -12.39 4.86 8.41
N LEU B 145 -12.33 3.62 7.90
CA LEU B 145 -12.07 3.36 6.48
C LEU B 145 -13.38 3.22 5.71
N SER B 146 -13.58 4.10 4.74
CA SER B 146 -14.72 3.96 3.84
C SER B 146 -14.19 3.57 2.47
N VAL B 147 -14.37 2.29 2.15
CA VAL B 147 -13.71 1.62 1.05
C VAL B 147 -14.74 1.18 0.05
N THR B 148 -14.47 1.38 -1.25
CA THR B 148 -15.29 0.79 -2.31
C THR B 148 -14.49 -0.34 -2.98
N THR B 149 -15.18 -1.32 -3.55
CA THR B 149 -14.51 -2.46 -4.18
C THR B 149 -15.00 -2.71 -5.62
N GLY B 150 -14.21 -3.46 -6.38
CA GLY B 150 -14.69 -4.06 -7.63
C GLY B 150 -15.38 -5.38 -7.35
N GLY B 151 -14.86 -6.10 -6.35
CA GLY B 151 -15.39 -7.42 -5.98
C GLY B 151 -16.69 -7.33 -5.21
N THR B 152 -17.55 -8.33 -5.37
CA THR B 152 -18.82 -8.37 -4.63
C THR B 152 -18.57 -8.82 -3.19
N ALA B 153 -19.59 -8.66 -2.34
CA ALA B 153 -19.52 -9.18 -0.98
C ALA B 153 -19.29 -10.70 -0.98
N GLU B 154 -19.94 -11.41 -1.92
CA GLU B 154 -19.74 -12.86 -2.11
C GLU B 154 -18.25 -13.18 -2.20
N MET B 155 -17.56 -12.49 -3.12
CA MET B 155 -16.14 -12.74 -3.36
C MET B 155 -15.29 -12.48 -2.12
N TYR B 156 -15.72 -11.53 -1.31
CA TYR B 156 -15.02 -11.19 -0.07
C TYR B 156 -15.52 -11.91 1.19
N THR B 157 -15.77 -13.20 1.06
CA THR B 157 -16.07 -14.07 2.20
C THR B 157 -14.92 -15.06 2.43
N LYS B 158 -14.89 -15.66 3.62
CA LYS B 158 -13.86 -16.63 3.98
C LYS B 158 -13.71 -17.77 2.96
N THR B 159 -14.80 -18.18 2.32
CA THR B 159 -14.71 -19.25 1.32
C THR B 159 -14.73 -18.75 -0.13
N GLY B 160 -14.85 -17.44 -0.30
CA GLY B 160 -14.72 -16.80 -1.62
C GLY B 160 -13.26 -16.74 -2.06
N VAL B 161 -13.03 -16.38 -3.32
CA VAL B 161 -11.66 -16.37 -3.90
C VAL B 161 -10.74 -15.38 -3.19
N ASN B 162 -11.29 -14.21 -2.88
CA ASN B 162 -10.51 -13.11 -2.31
C ASN B 162 -10.32 -13.20 -0.81
N GLY B 163 -10.95 -14.19 -0.17
CA GLY B 163 -10.94 -14.28 1.29
C GLY B 163 -11.85 -13.22 1.89
N ASP B 164 -11.97 -13.24 3.22
CA ASP B 164 -12.86 -12.29 3.88
C ASP B 164 -12.34 -10.86 3.76
N SER B 165 -13.27 -9.91 3.65
CA SER B 165 -12.92 -8.48 3.57
C SER B 165 -12.02 -8.04 4.73
N ARG B 166 -12.24 -8.57 5.93
CA ARG B 166 -11.42 -8.18 7.08
C ARG B 166 -9.91 -8.51 6.95
N TYR B 167 -9.57 -9.54 6.16
CA TYR B 167 -8.16 -9.89 5.97
C TYR B 167 -7.31 -8.73 5.42
N PHE B 168 -7.84 -8.04 4.41
CA PHE B 168 -7.10 -6.93 3.78
C PHE B 168 -7.13 -5.64 4.61
N LEU B 169 -7.99 -5.58 5.62
CA LEU B 169 -8.02 -4.43 6.53
C LEU B 169 -6.87 -4.39 7.53
N TRP B 170 -6.24 -5.55 7.77
CA TRP B 170 -5.24 -5.67 8.84
C TRP B 170 -4.10 -4.64 8.78
N PRO B 171 -3.44 -4.48 7.61
CA PRO B 171 -2.30 -3.56 7.55
C PRO B 171 -2.71 -2.12 7.81
N LEU B 172 -3.93 -1.77 7.41
CA LEU B 172 -4.43 -0.39 7.52
C LEU B 172 -5.02 -0.13 8.89
N GLN B 173 -5.98 -0.95 9.31
CA GLN B 173 -6.58 -0.77 10.63
C GLN B 173 -5.61 -0.98 11.78
N HIS B 174 -4.87 -2.08 11.73
CA HIS B 174 -4.03 -2.45 12.86
C HIS B 174 -2.63 -1.93 12.70
N GLY B 175 -2.03 -2.24 11.56
CA GLY B 175 -0.62 -1.94 11.34
C GLY B 175 -0.38 -0.44 11.27
N THR B 176 -1.38 0.32 10.83
CA THR B 176 -1.24 1.78 10.68
C THR B 176 -2.05 2.54 11.75
N LEU B 177 -3.37 2.45 11.70
CA LEU B 177 -4.23 3.32 12.52
C LEU B 177 -4.11 2.98 14.00
N HIS B 178 -4.32 1.71 14.35
CA HIS B 178 -4.17 1.25 15.75
C HIS B 178 -2.75 1.51 16.25
N PHE B 179 -1.75 1.24 15.40
CA PHE B 179 -0.35 1.50 15.75
C PHE B 179 -0.12 2.93 16.23
N CYS B 180 -0.73 3.88 15.51
CA CYS B 180 -0.66 5.30 15.83
C CYS B 180 -1.56 5.74 17.01
N GLY B 181 -2.35 4.79 17.52
CA GLY B 181 -3.18 5.05 18.70
C GLY B 181 -4.63 5.40 18.42
N PHE B 182 -5.05 5.42 17.16
CA PHE B 182 -6.46 5.65 16.85
C PHE B 182 -7.31 4.53 17.40
N LYS B 183 -8.51 4.87 17.86
CA LYS B 183 -9.57 3.88 18.00
C LYS B 183 -10.18 3.77 16.62
N VAL B 184 -10.36 2.55 16.16
CA VAL B 184 -10.85 2.27 14.81
C VAL B 184 -12.34 1.94 14.85
N LEU B 185 -13.14 2.71 14.13
CA LEU B 185 -14.55 2.40 13.96
C LEU B 185 -14.74 1.35 12.86
N ALA B 186 -15.86 0.66 12.88
CA ALA B 186 -16.12 -0.37 11.90
C ALA B 186 -16.01 0.22 10.51
N PRO B 187 -15.34 -0.49 9.59
CA PRO B 187 -15.17 0.04 8.24
C PRO B 187 -16.50 0.15 7.51
N GLN B 188 -16.62 1.13 6.64
CA GLN B 188 -17.77 1.16 5.74
C GLN B 188 -17.33 0.58 4.40
N ILE B 189 -17.77 -0.63 4.06
CA ILE B 189 -17.40 -1.17 2.76
C ILE B 189 -18.60 -1.18 1.83
N SER B 190 -18.45 -0.44 0.75
CA SER B 190 -19.45 -0.35 -0.30
C SER B 190 -19.03 -1.26 -1.45
N PHE B 191 -19.60 -2.47 -1.46
CA PHE B 191 -19.19 -3.52 -2.39
C PHE B 191 -19.66 -3.31 -3.82
N ALA B 192 -18.72 -3.41 -4.76
CA ALA B 192 -18.99 -3.51 -6.19
C ALA B 192 -20.04 -2.54 -6.75
N PRO B 193 -19.84 -1.22 -6.59
CA PRO B 193 -20.78 -0.24 -7.15
C PRO B 193 -20.88 -0.22 -8.68
N GLU B 194 -19.82 -0.64 -9.37
CA GLU B 194 -19.86 -0.70 -10.83
C GLU B 194 -20.79 -1.81 -11.33
N ILE B 195 -20.88 -2.89 -10.57
CA ILE B 195 -21.79 -4.02 -10.84
C ILE B 195 -23.23 -3.72 -10.38
N ALA B 196 -23.36 -3.06 -9.23
CA ALA B 196 -24.67 -2.78 -8.63
C ALA B 196 -25.61 -1.99 -9.54
N SER B 197 -26.92 -2.17 -9.35
CA SER B 197 -27.95 -1.41 -10.07
C SER B 197 -28.08 0.01 -9.50
N GLU B 198 -28.86 0.84 -10.18
CA GLU B 198 -29.11 2.22 -9.75
C GLU B 198 -29.67 2.32 -8.33
N GLU B 199 -30.68 1.49 -8.04
CA GLU B 199 -31.32 1.43 -6.72
C GLU B 199 -30.34 0.95 -5.65
N GLU B 200 -29.49 0.00 -6.01
CA GLU B 200 -28.54 -0.58 -5.07
C GLU B 200 -27.44 0.43 -4.73
N ARG B 201 -27.04 1.22 -5.72
CA ARG B 201 -26.02 2.26 -5.51
C ARG B 201 -26.54 3.38 -4.62
N LYS B 202 -27.74 3.87 -4.93
CA LYS B 202 -28.42 4.89 -4.13
C LYS B 202 -28.63 4.41 -2.70
N GLY B 203 -28.94 3.14 -2.57
CA GLY B 203 -29.04 2.49 -1.27
C GLY B 203 -27.73 2.52 -0.50
N MET B 204 -26.62 2.22 -1.18
CA MET B 204 -25.31 2.22 -0.52
C MET B 204 -24.90 3.62 -0.05
N VAL B 205 -25.18 4.63 -0.87
CA VAL B 205 -24.93 6.03 -0.51
C VAL B 205 -25.77 6.44 0.71
N ALA B 206 -27.05 6.09 0.70
CA ALA B 206 -27.95 6.43 1.81
C ALA B 206 -27.62 5.66 3.08
N ALA B 207 -27.11 4.44 2.98
CA ALA B 207 -26.70 3.69 4.16
C ALA B 207 -25.53 4.38 4.88
N TRP B 208 -24.60 4.91 4.10
CA TRP B 208 -23.48 5.68 4.62
C TRP B 208 -23.97 6.99 5.25
N SER B 209 -24.81 7.71 4.51
CA SER B 209 -25.42 8.93 5.03
C SER B 209 -26.12 8.70 6.37
N GLN B 210 -26.90 7.61 6.42
CA GLN B 210 -27.66 7.24 7.60
C GLN B 210 -26.73 6.80 8.73
N ARG B 211 -25.68 6.04 8.42
CA ARG B 211 -24.73 5.64 9.45
C ARG B 211 -24.08 6.87 10.11
N LEU B 212 -23.76 7.87 9.30
CA LEU B 212 -23.10 9.07 9.81
C LEU B 212 -23.97 9.86 10.79
N GLN B 213 -25.29 9.73 10.66
CA GLN B 213 -26.20 10.39 11.60
C GLN B 213 -25.87 10.04 13.05
N THR B 214 -25.43 8.80 13.27
CA THR B 214 -25.21 8.30 14.62
C THR B 214 -23.76 7.89 14.88
N ILE B 215 -22.85 8.38 14.04
CA ILE B 215 -21.42 8.04 14.15
C ILE B 215 -20.80 8.33 15.53
N TRP B 216 -21.25 9.39 16.19
CA TRP B 216 -20.63 9.79 17.47
C TRP B 216 -21.06 8.91 18.63
N LYS B 217 -22.06 8.06 18.38
CA LYS B 217 -22.55 7.11 19.38
C LYS B 217 -21.91 5.73 19.25
N GLU B 218 -21.12 5.51 18.20
CA GLU B 218 -20.52 4.20 17.94
C GLU B 218 -19.35 3.91 18.85
N GLU B 219 -19.14 2.63 19.12
CA GLU B 219 -17.96 2.17 19.81
C GLU B 219 -16.97 1.68 18.77
N PRO B 220 -15.68 1.80 19.06
CA PRO B 220 -14.70 1.25 18.11
C PRO B 220 -14.73 -0.29 18.06
N ILE B 221 -14.15 -0.88 17.02
CA ILE B 221 -13.96 -2.33 16.98
C ILE B 221 -12.84 -2.75 17.94
N PRO B 222 -12.84 -4.04 18.38
CA PRO B 222 -11.62 -4.49 19.03
C PRO B 222 -10.60 -4.79 17.92
N CYS B 223 -9.63 -3.91 17.75
CA CYS B 223 -8.72 -4.03 16.59
C CYS B 223 -7.64 -5.07 16.89
N THR B 224 -8.04 -6.35 16.79
CA THR B 224 -7.17 -7.45 17.20
C THR B 224 -7.05 -8.45 16.06
N ALA B 225 -6.05 -9.33 16.15
CA ALA B 225 -5.97 -10.49 15.24
C ALA B 225 -7.29 -11.27 15.18
N HIS B 226 -7.89 -11.54 16.35
CA HIS B 226 -9.14 -12.29 16.39
C HIS B 226 -10.27 -11.63 15.57
N TRP B 227 -10.47 -10.32 15.74
CA TRP B 227 -11.46 -9.59 14.95
C TRP B 227 -11.23 -9.74 13.45
N HIS B 228 -9.96 -9.64 13.04
CA HIS B 228 -9.63 -9.65 11.62
C HIS B 228 -9.67 -11.05 11.01
N PHE B 229 -9.18 -12.02 11.79
CA PHE B 229 -8.94 -13.37 11.24
C PHE B 229 -9.76 -14.47 11.89
N GLY B 230 -10.26 -14.21 13.11
CA GLY B 230 -11.00 -15.22 13.86
C GLY B 230 -10.09 -16.23 14.53
#